data_2RIC
#
_entry.id   2RIC
#
_cell.length_a   55.404
_cell.length_b   107.531
_cell.length_c   55.698
_cell.angle_alpha   90.000
_cell.angle_beta   90.280
_cell.angle_gamma   90.000
#
_symmetry.space_group_name_H-M   'P 1 21 1'
#
loop_
_entity.id
_entity.type
_entity.pdbx_description
1 polymer 'Pulmonary surfactant-associated protein D'
2 branched L-glycero-alpha-D-manno-heptopyranose-(1-3)-L-glycero-alpha-D-manno-heptopyranose
3 non-polymer 'CALCIUM ION'
4 non-polymer L-glycero-alpha-D-manno-heptopyranose
5 water water
#
_entity_poly.entity_id   1
_entity_poly.type   'polypeptide(L)'
_entity_poly.pdbx_seq_one_letter_code
;AMADIGSDVASLRQQVEALQGQVQHLQAAFSQYKKVELFPNGQSVGEKIFKTAGFVKPFTEAQLLCTQAGGQLASPRSAA
ENAALQQLVVAKNEAAFLSMTDSKTEGKFTYPTGESLVYSNWAPGEPNDDGGSEDCVEIFTNGKWNDRACGEKRLVVCEF
;
_entity_poly.pdbx_strand_id   A,B,C
#
# COMPACT_ATOMS: atom_id res chain seq x y z
N GLY A 6 3.14 -46.71 -11.82
CA GLY A 6 3.85 -46.79 -13.12
C GLY A 6 3.70 -45.53 -13.94
N SER A 7 2.71 -45.51 -14.82
CA SER A 7 2.45 -44.35 -15.67
C SER A 7 1.77 -43.25 -14.86
N ASP A 8 1.02 -43.66 -13.84
CA ASP A 8 0.31 -42.72 -12.98
C ASP A 8 1.28 -41.83 -12.24
N VAL A 9 2.25 -42.45 -11.57
CA VAL A 9 3.26 -41.70 -10.83
C VAL A 9 3.95 -40.70 -11.74
N ALA A 10 4.18 -41.09 -12.99
CA ALA A 10 4.83 -40.23 -13.96
C ALA A 10 3.96 -39.02 -14.30
N SER A 11 2.67 -39.25 -14.52
CA SER A 11 1.74 -38.17 -14.85
C SER A 11 1.57 -37.24 -13.64
N LEU A 12 1.56 -37.83 -12.45
CA LEU A 12 1.41 -37.04 -11.24
C LEU A 12 2.67 -36.19 -11.07
N ARG A 13 3.80 -36.75 -11.48
CA ARG A 13 5.09 -36.07 -11.40
C ARG A 13 5.07 -34.76 -12.19
N GLN A 14 4.72 -34.86 -13.47
CA GLN A 14 4.66 -33.68 -14.33
C GLN A 14 3.60 -32.70 -13.87
N GLN A 15 2.60 -33.21 -13.16
CA GLN A 15 1.53 -32.36 -12.64
C GLN A 15 2.08 -31.57 -11.46
N VAL A 16 2.88 -32.24 -10.63
CA VAL A 16 3.51 -31.61 -9.48
C VAL A 16 4.53 -30.58 -9.96
N GLU A 17 5.33 -30.99 -10.95
CA GLU A 17 6.35 -30.12 -11.52
C GLU A 17 5.72 -28.83 -12.04
N ALA A 18 4.58 -28.97 -12.72
CA ALA A 18 3.88 -27.83 -13.28
C ALA A 18 3.32 -26.92 -12.18
N LEU A 19 2.71 -27.54 -11.18
CA LEU A 19 2.13 -26.78 -10.07
C LEU A 19 3.21 -26.05 -9.28
N GLN A 20 4.38 -26.67 -9.15
CA GLN A 20 5.46 -26.04 -8.41
C GLN A 20 5.98 -24.84 -9.19
N GLY A 21 5.90 -24.92 -10.50
CA GLY A 21 6.35 -23.81 -11.33
C GLY A 21 5.46 -22.60 -11.11
N GLN A 22 4.15 -22.84 -11.02
CA GLN A 22 3.20 -21.76 -10.82
C GLN A 22 3.34 -21.16 -9.42
N VAL A 23 3.58 -22.01 -8.44
CA VAL A 23 3.73 -21.52 -7.06
C VAL A 23 4.99 -20.67 -6.93
N GLN A 24 6.08 -21.10 -7.55
CA GLN A 24 7.31 -20.34 -7.46
C GLN A 24 7.19 -19.01 -8.22
N HIS A 25 6.34 -18.99 -9.25
CA HIS A 25 6.13 -17.76 -10.00
C HIS A 25 5.29 -16.81 -9.13
N LEU A 26 4.33 -17.38 -8.43
CA LEU A 26 3.46 -16.62 -7.53
C LEU A 26 4.30 -16.08 -6.37
N GLN A 27 5.21 -16.92 -5.90
CA GLN A 27 6.10 -16.57 -4.79
C GLN A 27 6.96 -15.38 -5.20
N ALA A 28 7.44 -15.39 -6.44
CA ALA A 28 8.27 -14.32 -6.96
C ALA A 28 7.46 -13.03 -7.10
N ALA A 29 6.25 -13.14 -7.61
CA ALA A 29 5.40 -11.97 -7.77
C ALA A 29 5.03 -11.40 -6.40
N PHE A 30 4.70 -12.29 -5.47
CA PHE A 30 4.34 -11.86 -4.12
C PHE A 30 5.48 -11.14 -3.43
N SER A 31 6.69 -11.70 -3.54
CA SER A 31 7.86 -11.09 -2.91
C SER A 31 8.05 -9.66 -3.42
N GLN A 32 7.80 -9.44 -4.72
CA GLN A 32 7.94 -8.12 -5.30
C GLN A 32 6.88 -7.16 -4.75
N TYR A 33 5.62 -7.61 -4.74
CA TYR A 33 4.57 -6.73 -4.25
C TYR A 33 4.73 -6.44 -2.76
N LYS A 34 5.36 -7.35 -2.03
CA LYS A 34 5.60 -7.14 -0.61
C LYS A 34 6.54 -5.95 -0.42
N LYS A 35 7.60 -5.88 -1.24
CA LYS A 35 8.54 -4.77 -1.13
C LYS A 35 7.83 -3.46 -1.46
N VAL A 36 7.01 -3.51 -2.51
CA VAL A 36 6.26 -2.33 -2.96
C VAL A 36 5.33 -1.85 -1.85
N GLU A 37 4.63 -2.77 -1.22
CA GLU A 37 3.71 -2.45 -0.14
C GLU A 37 4.36 -1.67 1.00
N LEU A 38 5.53 -2.13 1.43
CA LEU A 38 6.23 -1.49 2.54
C LEU A 38 6.81 -0.11 2.24
N PHE A 39 6.98 0.21 0.97
CA PHE A 39 7.52 1.52 0.60
C PHE A 39 6.39 2.52 0.45
N PRO A 40 6.41 3.62 1.23
CA PRO A 40 7.43 3.97 2.22
C PRO A 40 6.89 4.00 3.66
N ASN A 41 5.69 3.47 3.87
CA ASN A 41 5.10 3.54 5.21
C ASN A 41 5.18 2.31 6.09
N GLY A 42 5.95 1.31 5.67
CA GLY A 42 6.06 0.11 6.48
C GLY A 42 7.48 -0.35 6.71
N GLN A 43 7.66 -1.18 7.73
CA GLN A 43 8.96 -1.74 8.07
C GLN A 43 8.78 -3.16 8.56
N SER A 44 9.50 -4.09 7.94
CA SER A 44 9.40 -5.49 8.34
C SER A 44 10.61 -5.85 9.22
N VAL A 45 10.35 -6.54 10.33
CA VAL A 45 11.40 -6.97 11.23
C VAL A 45 11.01 -8.34 11.77
N GLY A 46 11.76 -9.37 11.38
CA GLY A 46 11.41 -10.70 11.81
C GLY A 46 10.10 -11.03 11.12
N GLU A 47 9.13 -11.54 11.85
CA GLU A 47 7.84 -11.89 11.27
C GLU A 47 6.81 -10.78 11.52
N LYS A 48 7.28 -9.67 12.07
CA LYS A 48 6.41 -8.53 12.38
C LYS A 48 6.51 -7.42 11.34
N ILE A 49 5.41 -6.72 11.12
CA ILE A 49 5.37 -5.62 10.18
C ILE A 49 4.76 -4.39 10.85
N PHE A 50 5.51 -3.29 10.86
CA PHE A 50 5.03 -2.03 11.42
C PHE A 50 4.56 -1.21 10.22
N LYS A 51 3.45 -0.50 10.37
CA LYS A 51 2.97 0.35 9.29
C LYS A 51 2.30 1.57 9.89
N THR A 52 2.70 2.75 9.41
CA THR A 52 2.12 3.97 9.91
C THR A 52 0.94 4.42 9.05
N ALA A 53 -0.06 5.03 9.68
CA ALA A 53 -1.22 5.53 8.98
C ALA A 53 -0.88 6.89 8.36
N GLY A 54 0.20 7.49 8.82
CA GLY A 54 0.61 8.78 8.28
C GLY A 54 0.03 9.99 8.98
N PHE A 55 -0.89 9.78 9.92
CA PHE A 55 -1.49 10.88 10.66
C PHE A 55 -1.49 10.64 12.16
N VAL A 56 -1.76 11.68 12.94
CA VAL A 56 -1.76 11.58 14.39
C VAL A 56 -3.17 11.42 14.95
N LYS A 57 -3.27 10.78 16.11
CA LYS A 57 -4.55 10.54 16.78
C LYS A 57 -4.33 10.29 18.27
N PRO A 58 -5.35 10.55 19.09
CA PRO A 58 -5.19 10.31 20.53
C PRO A 58 -5.05 8.80 20.69
N PHE A 59 -4.54 8.36 21.84
CA PHE A 59 -4.35 6.93 22.09
C PHE A 59 -5.56 6.03 21.80
N THR A 60 -6.68 6.31 22.47
CA THR A 60 -7.86 5.49 22.28
C THR A 60 -8.24 5.30 20.82
N GLU A 61 -8.24 6.38 20.06
CA GLU A 61 -8.59 6.32 18.63
C GLU A 61 -7.56 5.55 17.82
N ALA A 62 -6.28 5.71 18.16
CA ALA A 62 -5.22 5.00 17.45
C ALA A 62 -5.32 3.50 17.73
N GLN A 63 -5.59 3.18 18.99
CA GLN A 63 -5.72 1.79 19.40
C GLN A 63 -6.87 1.11 18.66
N LEU A 64 -8.00 1.81 18.55
CA LEU A 64 -9.15 1.25 17.87
C LEU A 64 -8.85 1.01 16.39
N LEU A 65 -8.16 1.96 15.76
CA LEU A 65 -7.80 1.84 14.35
C LEU A 65 -6.97 0.57 14.12
N CYS A 66 -5.97 0.36 14.95
CA CYS A 66 -5.12 -0.81 14.80
C CYS A 66 -5.88 -2.12 15.05
N THR A 67 -6.70 -2.15 16.10
CA THR A 67 -7.45 -3.36 16.41
C THR A 67 -8.49 -3.68 15.34
N GLN A 68 -9.16 -2.65 14.82
CA GLN A 68 -10.14 -2.87 13.77
C GLN A 68 -9.49 -3.30 12.47
N ALA A 69 -8.21 -3.00 12.32
CA ALA A 69 -7.47 -3.37 11.12
C ALA A 69 -6.89 -4.78 11.24
N GLY A 70 -7.12 -5.44 12.37
CA GLY A 70 -6.61 -6.78 12.56
C GLY A 70 -5.23 -6.85 13.19
N GLY A 71 -4.75 -5.72 13.70
CA GLY A 71 -3.44 -5.70 14.34
C GLY A 71 -3.54 -5.08 15.72
N GLN A 72 -2.49 -4.37 16.11
CA GLN A 72 -2.46 -3.68 17.39
C GLN A 72 -1.44 -2.55 17.30
N LEU A 73 -1.46 -1.65 18.28
CA LEU A 73 -0.50 -0.54 18.27
C LEU A 73 0.92 -1.11 18.35
N ALA A 74 1.87 -0.38 17.77
CA ALA A 74 3.27 -0.77 17.76
C ALA A 74 3.70 -1.22 19.16
N SER A 75 4.28 -2.42 19.23
CA SER A 75 4.71 -2.99 20.51
C SER A 75 6.10 -3.59 20.36
N PRO A 76 7.14 -2.75 20.28
CA PRO A 76 8.50 -3.26 20.13
C PRO A 76 8.93 -4.09 21.34
N ARG A 77 9.28 -5.35 21.10
CA ARG A 77 9.69 -6.24 22.19
C ARG A 77 11.18 -6.54 22.20
N SER A 78 11.96 -5.76 21.45
CA SER A 78 13.41 -5.95 21.40
C SER A 78 14.08 -4.73 20.77
N ALA A 79 15.39 -4.66 20.90
CA ALA A 79 16.15 -3.55 20.33
C ALA A 79 15.99 -3.53 18.82
N ALA A 80 15.98 -4.71 18.21
CA ALA A 80 15.81 -4.83 16.76
C ALA A 80 14.45 -4.30 16.31
N GLU A 81 13.39 -4.71 16.99
CA GLU A 81 12.06 -4.23 16.63
C GLU A 81 11.96 -2.73 16.89
N ASN A 82 12.59 -2.28 17.97
CA ASN A 82 12.54 -0.86 18.30
C ASN A 82 13.23 -0.04 17.21
N ALA A 83 14.35 -0.55 16.70
CA ALA A 83 15.10 0.12 15.66
C ALA A 83 14.29 0.21 14.37
N ALA A 84 13.59 -0.86 14.04
CA ALA A 84 12.77 -0.88 12.83
C ALA A 84 11.66 0.15 12.94
N LEU A 85 11.00 0.20 14.11
CA LEU A 85 9.94 1.16 14.33
C LEU A 85 10.46 2.60 14.26
N GLN A 86 11.65 2.81 14.81
CA GLN A 86 12.26 4.13 14.81
C GLN A 86 12.37 4.71 13.39
N GLN A 87 12.62 3.84 12.42
CA GLN A 87 12.75 4.28 11.03
C GLN A 87 11.51 5.03 10.53
N LEU A 88 10.32 4.51 10.87
CA LEU A 88 9.08 5.16 10.44
C LEU A 88 8.89 6.49 11.17
N VAL A 89 9.26 6.52 12.44
CA VAL A 89 9.13 7.73 13.23
C VAL A 89 10.06 8.80 12.65
N VAL A 90 11.29 8.41 12.35
CA VAL A 90 12.28 9.32 11.78
C VAL A 90 11.85 9.80 10.39
N ALA A 91 11.32 8.88 9.59
CA ALA A 91 10.88 9.21 8.23
C ALA A 91 9.71 10.19 8.24
N LYS A 92 8.79 10.01 9.17
CA LYS A 92 7.64 10.91 9.27
C LYS A 92 7.96 12.07 10.20
N ASN A 93 9.08 11.97 10.90
CA ASN A 93 9.52 13.00 11.84
C ASN A 93 8.41 13.34 12.83
N GLU A 94 7.81 12.30 13.41
CA GLU A 94 6.73 12.46 14.37
C GLU A 94 6.76 11.33 15.38
N ALA A 95 6.75 11.69 16.67
CA ALA A 95 6.74 10.69 17.74
C ALA A 95 5.46 9.88 17.61
N ALA A 96 5.53 8.59 17.92
CA ALA A 96 4.37 7.72 17.79
C ALA A 96 4.01 7.02 19.10
N PHE A 97 2.73 6.68 19.24
CA PHE A 97 2.25 5.97 20.42
C PHE A 97 2.60 4.49 20.33
N LEU A 98 2.91 3.88 21.47
CA LEU A 98 3.17 2.45 21.52
C LEU A 98 1.86 1.91 22.10
N SER A 99 1.73 0.60 22.21
CA SER A 99 0.51 0.00 22.72
C SER A 99 0.41 -0.06 24.23
N MET A 100 1.56 -0.04 24.90
CA MET A 100 1.62 -0.17 26.35
C MET A 100 1.14 1.00 27.20
N THR A 101 0.52 0.68 28.33
CA THR A 101 0.02 1.68 29.27
C THR A 101 0.12 1.17 30.69
N ASP A 102 0.01 2.09 31.65
CA ASP A 102 0.04 1.72 33.05
C ASP A 102 -1.24 2.30 33.66
N SER A 103 -2.31 2.23 32.87
CA SER A 103 -3.63 2.72 33.27
C SER A 103 -4.21 1.92 34.43
N LYS A 104 -3.97 0.61 34.41
CA LYS A 104 -4.47 -0.27 35.46
C LYS A 104 -3.76 0.01 36.79
N THR A 105 -2.44 -0.10 36.78
CA THR A 105 -1.65 0.13 37.99
C THR A 105 -0.51 1.10 37.69
N GLU A 106 -0.64 2.31 38.22
CA GLU A 106 0.35 3.37 38.03
C GLU A 106 1.78 2.88 38.23
N GLY A 107 2.64 3.19 37.27
CA GLY A 107 4.04 2.77 37.37
C GLY A 107 4.33 1.42 36.74
N LYS A 108 3.29 0.67 36.42
CA LYS A 108 3.46 -0.65 35.83
C LYS A 108 2.88 -0.71 34.42
N PHE A 109 3.76 -0.64 33.42
CA PHE A 109 3.33 -0.68 32.04
C PHE A 109 3.14 -2.10 31.54
N THR A 110 2.08 -2.33 30.79
CA THR A 110 1.77 -3.64 30.26
C THR A 110 1.30 -3.56 28.81
N TYR A 111 1.34 -4.70 28.13
CA TYR A 111 0.87 -4.77 26.75
C TYR A 111 -0.63 -4.89 26.85
N PRO A 112 -1.35 -4.77 25.72
CA PRO A 112 -2.81 -4.87 25.73
C PRO A 112 -3.33 -6.14 26.40
N THR A 113 -2.52 -7.20 26.41
CA THR A 113 -2.91 -8.47 27.00
C THR A 113 -2.72 -8.51 28.51
N GLY A 114 -2.10 -7.48 29.07
CA GLY A 114 -1.89 -7.44 30.50
C GLY A 114 -0.52 -7.89 30.96
N GLU A 115 0.25 -8.48 30.05
CA GLU A 115 1.59 -8.95 30.35
C GLU A 115 2.55 -7.78 30.58
N SER A 116 3.49 -7.96 31.50
CA SER A 116 4.47 -6.92 31.82
C SER A 116 5.48 -6.81 30.67
N LEU A 117 6.17 -5.68 30.60
CA LEU A 117 7.15 -5.46 29.54
C LEU A 117 8.32 -6.44 29.59
N VAL A 118 8.77 -6.88 28.42
CA VAL A 118 9.90 -7.80 28.32
C VAL A 118 11.07 -7.03 27.72
N TYR A 119 10.80 -5.77 27.37
CA TYR A 119 11.79 -4.87 26.78
C TYR A 119 11.32 -3.43 26.99
N SER A 120 12.28 -2.53 27.20
CA SER A 120 11.96 -1.12 27.39
C SER A 120 13.15 -0.28 26.92
N ASN A 121 12.89 0.97 26.54
CA ASN A 121 13.95 1.85 26.09
C ASN A 121 13.64 3.28 26.52
N TRP A 122 13.38 3.45 27.81
CA TRP A 122 13.04 4.75 28.37
C TRP A 122 14.14 5.77 28.22
N ALA A 123 13.75 7.01 27.90
CA ALA A 123 14.70 8.09 27.76
C ALA A 123 15.10 8.45 29.20
N PRO A 124 16.20 9.20 29.36
CA PRO A 124 16.63 9.57 30.72
C PRO A 124 15.54 10.28 31.53
N GLY A 125 15.33 9.80 32.74
CA GLY A 125 14.33 10.40 33.62
C GLY A 125 12.90 9.93 33.39
N GLU A 126 12.72 9.00 32.47
CA GLU A 126 11.38 8.48 32.17
C GLU A 126 11.25 7.03 32.65
N PRO A 127 10.02 6.60 32.98
CA PRO A 127 8.78 7.38 32.94
C PRO A 127 8.67 8.23 34.21
N ASN A 128 8.08 9.41 34.10
CA ASN A 128 7.96 10.27 35.27
C ASN A 128 6.52 10.65 35.63
N ASP A 129 5.55 10.15 34.87
CA ASP A 129 4.14 10.47 35.12
C ASP A 129 4.02 11.98 35.39
N ASP A 130 4.58 12.78 34.50
CA ASP A 130 4.56 14.23 34.65
C ASP A 130 3.14 14.80 34.62
N GLY A 131 2.84 15.66 35.58
CA GLY A 131 1.52 16.25 35.64
C GLY A 131 0.60 15.37 36.45
N GLY A 132 1.07 14.16 36.74
CA GLY A 132 0.29 13.22 37.52
C GLY A 132 -0.67 12.37 36.69
N SER A 133 -0.50 12.37 35.37
CA SER A 133 -1.38 11.58 34.51
C SER A 133 -0.83 11.30 33.12
N GLU A 134 0.24 10.51 33.05
CA GLU A 134 0.82 10.12 31.76
C GLU A 134 0.85 8.60 31.74
N ASP A 135 -0.22 7.99 31.24
CA ASP A 135 -0.32 6.54 31.22
C ASP A 135 -0.05 5.87 29.89
N CYS A 136 0.25 6.65 28.86
CA CYS A 136 0.55 6.08 27.56
C CYS A 136 2.04 6.23 27.25
N VAL A 137 2.49 5.65 26.15
CA VAL A 137 3.89 5.71 25.81
C VAL A 137 4.15 6.13 24.37
N GLU A 138 5.14 6.99 24.19
CA GLU A 138 5.49 7.46 22.86
C GLU A 138 6.96 7.17 22.60
N ILE A 139 7.30 6.97 21.33
CA ILE A 139 8.67 6.70 20.95
C ILE A 139 9.12 7.90 20.14
N PHE A 140 10.27 8.46 20.52
CA PHE A 140 10.83 9.64 19.84
C PHE A 140 11.58 9.25 18.57
N THR A 141 12.03 10.26 17.83
CA THR A 141 12.78 10.00 16.61
C THR A 141 14.13 9.38 16.95
N ASN A 142 14.57 9.53 18.20
CA ASN A 142 15.84 8.94 18.59
C ASN A 142 15.64 7.53 19.12
N GLY A 143 14.41 7.04 19.03
CA GLY A 143 14.11 5.69 19.48
C GLY A 143 13.81 5.52 20.97
N LYS A 144 14.06 6.55 21.76
CA LYS A 144 13.81 6.48 23.19
C LYS A 144 12.33 6.63 23.54
N TRP A 145 11.95 6.10 24.70
CA TRP A 145 10.55 6.14 25.14
C TRP A 145 10.28 7.20 26.20
N ASN A 146 9.03 7.64 26.23
CA ASN A 146 8.57 8.65 27.18
C ASN A 146 7.10 8.41 27.48
N ASP A 147 6.72 8.35 28.75
CA ASP A 147 5.31 8.16 29.05
C ASP A 147 4.64 9.49 28.71
N ARG A 148 3.49 9.41 28.06
CA ARG A 148 2.78 10.59 27.60
C ARG A 148 1.29 10.52 27.92
N ALA A 149 0.66 11.69 28.08
CA ALA A 149 -0.76 11.73 28.36
C ALA A 149 -1.49 11.06 27.19
N CYS A 150 -2.32 10.09 27.51
CA CYS A 150 -3.06 9.36 26.47
C CYS A 150 -3.95 10.24 25.61
N GLY A 151 -4.35 11.38 26.15
CA GLY A 151 -5.19 12.30 25.40
C GLY A 151 -4.47 13.09 24.33
N GLU A 152 -3.14 13.06 24.35
CA GLU A 152 -2.36 13.78 23.35
C GLU A 152 -2.41 13.03 22.03
N LYS A 153 -2.15 13.74 20.93
CA LYS A 153 -2.18 13.14 19.60
C LYS A 153 -0.78 12.80 19.11
N ARG A 154 -0.58 11.55 18.71
CA ARG A 154 0.71 11.10 18.21
C ARG A 154 0.54 10.24 16.96
N LEU A 155 1.64 10.05 16.23
CA LEU A 155 1.62 9.25 15.02
C LEU A 155 1.08 7.85 15.26
N VAL A 156 0.16 7.42 14.40
CA VAL A 156 -0.43 6.09 14.49
C VAL A 156 0.40 5.08 13.73
N VAL A 157 0.93 4.09 14.45
CA VAL A 157 1.72 3.04 13.83
C VAL A 157 1.23 1.73 14.41
N CYS A 158 0.79 0.83 13.54
CA CYS A 158 0.28 -0.46 13.98
C CYS A 158 1.27 -1.56 13.61
N GLU A 159 1.13 -2.70 14.25
CA GLU A 159 1.99 -3.83 13.94
C GLU A 159 1.05 -4.97 13.53
N PHE A 160 1.49 -5.74 12.56
CA PHE A 160 0.72 -6.86 12.03
C PHE A 160 1.59 -8.11 11.96
N VAL B 9 0.10 -43.81 -3.45
CA VAL B 9 -0.05 -42.94 -4.65
C VAL B 9 -1.42 -42.29 -4.65
N ALA B 10 -2.42 -42.99 -4.11
CA ALA B 10 -3.77 -42.46 -4.04
C ALA B 10 -3.80 -41.19 -3.21
N SER B 11 -3.17 -41.25 -2.03
CA SER B 11 -3.12 -40.12 -1.12
C SER B 11 -2.43 -38.92 -1.78
N LEU B 12 -1.31 -39.18 -2.44
CA LEU B 12 -0.55 -38.11 -3.09
C LEU B 12 -1.38 -37.43 -4.17
N ARG B 13 -2.03 -38.23 -5.01
CA ARG B 13 -2.87 -37.71 -6.08
C ARG B 13 -3.97 -36.83 -5.49
N GLN B 14 -4.44 -37.23 -4.31
CA GLN B 14 -5.50 -36.49 -3.62
C GLN B 14 -4.95 -35.19 -3.05
N GLN B 15 -3.72 -35.23 -2.52
CA GLN B 15 -3.09 -34.05 -1.95
C GLN B 15 -2.86 -33.00 -3.04
N VAL B 16 -2.30 -33.44 -4.16
CA VAL B 16 -2.01 -32.55 -5.28
C VAL B 16 -3.26 -31.81 -5.74
N GLU B 17 -4.39 -32.52 -5.81
CA GLU B 17 -5.63 -31.90 -6.22
C GLU B 17 -6.02 -30.81 -5.22
N ALA B 18 -5.74 -31.08 -3.95
CA ALA B 18 -6.05 -30.12 -2.89
C ALA B 18 -5.20 -28.86 -3.08
N LEU B 19 -3.92 -29.06 -3.38
CA LEU B 19 -3.00 -27.94 -3.60
C LEU B 19 -3.47 -27.05 -4.74
N GLN B 20 -3.96 -27.66 -5.81
CA GLN B 20 -4.44 -26.91 -6.97
C GLN B 20 -5.52 -25.93 -6.54
N GLY B 21 -6.43 -26.39 -5.69
CA GLY B 21 -7.50 -25.53 -5.20
C GLY B 21 -6.98 -24.37 -4.36
N GLN B 22 -5.99 -24.64 -3.52
CA GLN B 22 -5.42 -23.59 -2.67
C GLN B 22 -4.74 -22.55 -3.53
N VAL B 23 -3.97 -23.01 -4.52
CA VAL B 23 -3.25 -22.14 -5.43
C VAL B 23 -4.16 -21.26 -6.27
N GLN B 24 -5.26 -21.83 -6.76
CA GLN B 24 -6.20 -21.06 -7.56
C GLN B 24 -6.77 -19.90 -6.76
N HIS B 25 -7.07 -20.14 -5.49
CA HIS B 25 -7.61 -19.09 -4.63
C HIS B 25 -6.57 -17.99 -4.42
N LEU B 26 -5.33 -18.39 -4.16
CA LEU B 26 -4.25 -17.43 -3.95
C LEU B 26 -4.03 -16.53 -5.16
N GLN B 27 -3.95 -17.14 -6.34
CA GLN B 27 -3.72 -16.38 -7.57
C GLN B 27 -4.84 -15.37 -7.80
N ALA B 28 -6.08 -15.78 -7.58
CA ALA B 28 -7.22 -14.90 -7.76
C ALA B 28 -7.19 -13.74 -6.78
N ALA B 29 -6.96 -14.06 -5.51
CA ALA B 29 -6.91 -13.05 -4.47
C ALA B 29 -5.74 -12.10 -4.69
N PHE B 30 -4.60 -12.66 -5.06
CA PHE B 30 -3.41 -11.85 -5.31
C PHE B 30 -3.62 -10.91 -6.49
N SER B 31 -4.27 -11.42 -7.54
CA SER B 31 -4.53 -10.62 -8.73
C SER B 31 -5.32 -9.36 -8.35
N GLN B 32 -6.27 -9.53 -7.44
CA GLN B 32 -7.08 -8.41 -6.99
C GLN B 32 -6.24 -7.46 -6.15
N TYR B 33 -5.48 -7.99 -5.20
CA TYR B 33 -4.67 -7.13 -4.36
C TYR B 33 -3.59 -6.33 -5.07
N LYS B 34 -3.11 -6.83 -6.21
CA LYS B 34 -2.09 -6.10 -6.96
C LYS B 34 -2.67 -4.77 -7.44
N LYS B 35 -3.89 -4.83 -7.95
CA LYS B 35 -4.57 -3.63 -8.45
C LYS B 35 -4.82 -2.66 -7.30
N VAL B 36 -5.27 -3.20 -6.18
CA VAL B 36 -5.55 -2.40 -4.99
C VAL B 36 -4.29 -1.69 -4.50
N GLU B 37 -3.19 -2.44 -4.44
CA GLU B 37 -1.90 -1.91 -4.00
C GLU B 37 -1.38 -0.75 -4.82
N LEU B 38 -1.46 -0.88 -6.14
CA LEU B 38 -0.95 0.14 -7.04
C LEU B 38 -1.76 1.44 -7.06
N PHE B 39 -3.01 1.37 -6.59
CA PHE B 39 -3.85 2.57 -6.54
C PHE B 39 -3.61 3.29 -5.23
N PRO B 40 -3.24 4.59 -5.30
CA PRO B 40 -3.04 5.39 -6.50
C PRO B 40 -1.57 5.79 -6.73
N ASN B 41 -0.67 5.26 -5.92
CA ASN B 41 0.73 5.65 -6.02
C ASN B 41 1.70 4.76 -6.78
N GLY B 42 1.17 3.75 -7.46
CA GLY B 42 2.06 2.87 -8.21
C GLY B 42 1.63 2.69 -9.65
N GLN B 43 2.55 2.17 -10.46
CA GLN B 43 2.28 1.93 -11.86
C GLN B 43 3.07 0.70 -12.29
N SER B 44 2.37 -0.26 -12.86
CA SER B 44 3.01 -1.49 -13.33
C SER B 44 3.23 -1.39 -14.83
N VAL B 45 4.39 -1.81 -15.30
CA VAL B 45 4.69 -1.78 -16.72
C VAL B 45 5.65 -2.95 -16.96
N GLY B 46 5.18 -3.94 -17.70
CA GLY B 46 6.01 -5.12 -17.94
C GLY B 46 6.16 -5.80 -16.58
N GLU B 47 7.38 -6.17 -16.23
CA GLU B 47 7.64 -6.82 -14.94
C GLU B 47 8.14 -5.82 -13.90
N LYS B 48 8.14 -4.55 -14.27
CA LYS B 48 8.60 -3.49 -13.39
C LYS B 48 7.44 -2.74 -12.72
N ILE B 49 7.69 -2.23 -11.52
CA ILE B 49 6.69 -1.47 -10.79
C ILE B 49 7.30 -0.18 -10.27
N PHE B 50 6.69 0.95 -10.62
CA PHE B 50 7.14 2.25 -10.16
C PHE B 50 6.22 2.62 -9.00
N LYS B 51 6.78 3.20 -7.95
CA LYS B 51 5.95 3.64 -6.84
C LYS B 51 6.54 4.91 -6.25
N THR B 52 5.70 5.93 -6.08
CA THR B 52 6.17 7.18 -5.52
C THR B 52 5.91 7.24 -4.03
N ALA B 53 6.81 7.92 -3.32
CA ALA B 53 6.68 8.10 -1.88
C ALA B 53 5.76 9.28 -1.60
N GLY B 54 5.46 10.06 -2.64
CA GLY B 54 4.56 11.19 -2.48
C GLY B 54 5.18 12.47 -1.93
N PHE B 55 6.48 12.49 -1.70
CA PHE B 55 7.16 13.69 -1.19
C PHE B 55 8.49 13.90 -1.93
N VAL B 56 9.10 15.07 -1.74
CA VAL B 56 10.36 15.38 -2.41
C VAL B 56 11.56 15.26 -1.48
N LYS B 57 12.71 14.94 -2.07
CA LYS B 57 13.97 14.78 -1.36
C LYS B 57 15.13 15.02 -2.32
N PRO B 58 16.31 15.35 -1.79
CA PRO B 58 17.47 15.57 -2.65
C PRO B 58 17.86 14.18 -3.18
N PHE B 59 18.63 14.12 -4.25
CA PHE B 59 19.03 12.84 -4.85
C PHE B 59 19.60 11.78 -3.90
N THR B 60 20.63 12.14 -3.15
CA THR B 60 21.25 11.17 -2.24
C THR B 60 20.24 10.56 -1.29
N GLU B 61 19.36 11.37 -0.72
CA GLU B 61 18.35 10.87 0.21
C GLU B 61 17.33 9.99 -0.51
N ALA B 62 16.92 10.41 -1.71
CA ALA B 62 15.95 9.67 -2.50
C ALA B 62 16.53 8.30 -2.86
N GLN B 63 17.79 8.31 -3.28
CA GLN B 63 18.47 7.08 -3.67
C GLN B 63 18.54 6.11 -2.49
N LEU B 64 18.84 6.62 -1.31
CA LEU B 64 18.94 5.79 -0.11
C LEU B 64 17.58 5.19 0.25
N LEU B 65 16.53 5.99 0.17
CA LEU B 65 15.19 5.51 0.47
C LEU B 65 14.84 4.30 -0.40
N CYS B 66 15.11 4.41 -1.69
CA CYS B 66 14.82 3.32 -2.62
C CYS B 66 15.66 2.08 -2.37
N THR B 67 16.97 2.28 -2.23
CA THR B 67 17.86 1.13 -2.00
C THR B 67 17.57 0.41 -0.69
N GLN B 68 17.28 1.16 0.37
CA GLN B 68 16.98 0.52 1.64
C GLN B 68 15.65 -0.22 1.56
N ALA B 69 14.79 0.19 0.62
CA ALA B 69 13.50 -0.46 0.44
C ALA B 69 13.60 -1.68 -0.48
N GLY B 70 14.81 -1.98 -0.93
CA GLY B 70 14.99 -3.14 -1.79
C GLY B 70 14.83 -2.87 -3.29
N GLY B 71 14.82 -1.60 -3.67
CA GLY B 71 14.69 -1.27 -5.08
C GLY B 71 15.74 -0.23 -5.44
N GLN B 72 15.40 0.65 -6.36
CA GLN B 72 16.31 1.73 -6.77
C GLN B 72 15.49 2.84 -7.36
N LEU B 73 16.09 4.00 -7.59
CA LEU B 73 15.38 5.13 -8.15
C LEU B 73 14.86 4.77 -9.52
N ALA B 74 13.72 5.37 -9.90
CA ALA B 74 13.11 5.12 -11.21
C ALA B 74 14.16 5.14 -12.32
N SER B 75 14.19 4.07 -13.11
CA SER B 75 15.15 3.95 -14.21
C SER B 75 14.45 3.52 -15.50
N PRO B 76 13.66 4.42 -16.10
CA PRO B 76 12.96 4.07 -17.34
C PRO B 76 13.92 3.66 -18.47
N ARG B 77 13.74 2.45 -18.98
CA ARG B 77 14.60 1.93 -20.05
C ARG B 77 13.91 1.84 -21.41
N SER B 78 12.70 2.38 -21.51
CA SER B 78 11.95 2.36 -22.77
C SER B 78 10.89 3.45 -22.73
N ALA B 79 10.29 3.74 -23.89
CA ALA B 79 9.25 4.75 -23.98
C ALA B 79 8.07 4.35 -23.10
N ALA B 80 7.75 3.05 -23.10
CA ALA B 80 6.63 2.55 -22.31
C ALA B 80 6.88 2.76 -20.82
N GLU B 81 8.07 2.44 -20.34
CA GLU B 81 8.38 2.63 -18.93
C GLU B 81 8.37 4.12 -18.58
N ASN B 82 8.88 4.94 -19.49
CA ASN B 82 8.93 6.39 -19.25
C ASN B 82 7.51 6.97 -19.13
N ALA B 83 6.59 6.46 -19.94
CA ALA B 83 5.21 6.93 -19.91
C ALA B 83 4.53 6.49 -18.63
N ALA B 84 4.86 5.29 -18.16
CA ALA B 84 4.27 4.79 -16.93
C ALA B 84 4.74 5.68 -15.79
N LEU B 85 6.03 6.01 -15.79
CA LEU B 85 6.60 6.88 -14.78
C LEU B 85 5.97 8.27 -14.85
N GLN B 86 5.80 8.78 -16.06
CA GLN B 86 5.20 10.09 -16.24
C GLN B 86 3.82 10.16 -15.59
N GLN B 87 3.08 9.07 -15.59
CA GLN B 87 1.74 9.06 -14.98
C GLN B 87 1.79 9.45 -13.52
N LEU B 88 2.79 8.96 -12.79
CA LEU B 88 2.92 9.28 -11.37
C LEU B 88 3.36 10.73 -11.20
N VAL B 89 4.30 11.18 -12.02
CA VAL B 89 4.79 12.55 -11.95
C VAL B 89 3.62 13.51 -12.19
N VAL B 90 2.79 13.19 -13.18
CA VAL B 90 1.62 14.01 -13.50
C VAL B 90 0.61 14.00 -12.36
N ALA B 91 0.37 12.82 -11.79
CA ALA B 91 -0.59 12.68 -10.69
C ALA B 91 -0.20 13.55 -9.50
N LYS B 92 1.10 13.56 -9.18
CA LYS B 92 1.60 14.34 -8.06
C LYS B 92 1.94 15.77 -8.48
N ASN B 93 1.98 15.99 -9.78
CA ASN B 93 2.33 17.30 -10.35
C ASN B 93 3.66 17.78 -9.80
N GLU B 94 4.64 16.87 -9.73
CA GLU B 94 5.97 17.17 -9.23
C GLU B 94 7.01 16.41 -10.05
N ALA B 95 7.98 17.11 -10.60
CA ALA B 95 9.04 16.46 -11.38
C ALA B 95 9.80 15.54 -10.42
N ALA B 96 10.25 14.40 -10.92
CA ALA B 96 10.96 13.42 -10.12
C ALA B 96 12.39 13.11 -10.56
N PHE B 97 13.19 12.57 -9.64
CA PHE B 97 14.57 12.20 -9.96
C PHE B 97 14.57 10.81 -10.58
N LEU B 98 15.51 10.60 -11.49
CA LEU B 98 15.70 9.30 -12.11
C LEU B 98 16.93 8.79 -11.37
N SER B 99 17.33 7.55 -11.62
CA SER B 99 18.49 6.99 -10.94
C SER B 99 19.82 7.36 -11.57
N MET B 100 19.79 7.71 -12.85
CA MET B 100 21.01 7.99 -13.59
C MET B 100 21.73 9.31 -13.34
N THR B 101 23.06 9.24 -13.38
CA THR B 101 23.91 10.41 -13.16
C THR B 101 25.19 10.29 -13.99
N ASP B 102 25.91 11.39 -14.12
CA ASP B 102 27.20 11.37 -14.83
C ASP B 102 28.22 11.93 -13.85
N SER B 103 28.04 11.57 -12.57
CA SER B 103 28.92 12.00 -11.50
C SER B 103 30.33 11.44 -11.66
N LYS B 104 30.42 10.21 -12.15
CA LYS B 104 31.71 9.56 -12.35
C LYS B 104 32.49 10.27 -13.45
N THR B 105 31.95 10.24 -14.67
CA THR B 105 32.58 10.88 -15.82
C THR B 105 31.61 11.87 -16.42
N GLU B 106 31.92 13.16 -16.27
CA GLU B 106 31.07 14.22 -16.80
C GLU B 106 30.72 13.97 -18.26
N GLY B 107 29.44 14.09 -18.59
CA GLY B 107 29.00 13.88 -19.95
C GLY B 107 28.51 12.47 -20.25
N LYS B 108 28.82 11.53 -19.38
CA LYS B 108 28.40 10.14 -19.58
C LYS B 108 27.47 9.66 -18.48
N PHE B 109 26.18 9.62 -18.77
CA PHE B 109 25.21 9.16 -17.79
C PHE B 109 25.13 7.64 -17.71
N THR B 110 25.02 7.13 -16.50
CA THR B 110 24.95 5.69 -16.28
C THR B 110 23.90 5.33 -15.23
N TYR B 111 23.49 4.07 -15.25
CA TYR B 111 22.54 3.54 -14.27
C TYR B 111 23.39 3.23 -13.05
N PRO B 112 22.76 2.94 -11.90
CA PRO B 112 23.52 2.63 -10.69
C PRO B 112 24.57 1.54 -10.87
N THR B 113 24.34 0.66 -11.84
CA THR B 113 25.27 -0.45 -12.11
C THR B 113 26.54 0.01 -12.85
N GLY B 114 26.46 1.15 -13.51
CA GLY B 114 27.62 1.65 -14.24
C GLY B 114 27.43 1.49 -15.74
N GLU B 115 26.33 0.85 -16.12
CA GLU B 115 26.00 0.64 -17.52
C GLU B 115 25.52 1.93 -18.17
N SER B 116 25.85 2.11 -19.46
CA SER B 116 25.42 3.31 -20.18
C SER B 116 23.92 3.22 -20.52
N LEU B 117 23.29 4.38 -20.71
CA LEU B 117 21.87 4.44 -21.00
C LEU B 117 21.46 3.67 -22.26
N VAL B 118 20.31 2.99 -22.19
CA VAL B 118 19.79 2.23 -23.31
C VAL B 118 18.54 2.94 -23.86
N TYR B 119 18.19 4.06 -23.24
CA TYR B 119 17.04 4.88 -23.61
C TYR B 119 17.18 6.26 -22.94
N SER B 120 16.68 7.30 -23.60
CA SER B 120 16.71 8.64 -23.03
C SER B 120 15.62 9.48 -23.69
N ASN B 121 15.09 10.45 -22.96
CA ASN B 121 14.05 11.31 -23.51
C ASN B 121 14.38 12.75 -23.15
N TRP B 122 15.61 13.15 -23.44
CA TRP B 122 16.09 14.50 -23.15
C TRP B 122 15.29 15.58 -23.85
N ALA B 123 15.00 16.66 -23.12
CA ALA B 123 14.31 17.79 -23.71
C ALA B 123 15.36 18.39 -24.63
N PRO B 124 14.94 19.12 -25.67
CA PRO B 124 15.92 19.72 -26.60
C PRO B 124 16.98 20.55 -25.86
N GLY B 125 18.25 20.33 -26.21
CA GLY B 125 19.34 21.07 -25.59
C GLY B 125 19.91 20.45 -24.34
N GLU B 126 19.24 19.43 -23.81
CA GLU B 126 19.69 18.74 -22.61
C GLU B 126 20.36 17.42 -22.97
N PRO B 127 21.32 16.96 -22.15
CA PRO B 127 21.81 17.58 -20.91
C PRO B 127 22.79 18.71 -21.24
N ASN B 128 22.79 19.77 -20.43
CA ASN B 128 23.68 20.90 -20.69
C ASN B 128 24.62 21.22 -19.53
N ASP B 129 24.59 20.40 -18.48
CA ASP B 129 25.45 20.60 -17.30
C ASP B 129 25.49 22.10 -16.96
N ASP B 130 24.30 22.68 -16.84
CA ASP B 130 24.18 24.10 -16.54
C ASP B 130 24.96 24.49 -15.31
N GLY B 131 25.71 25.59 -15.43
CA GLY B 131 26.52 26.07 -14.32
C GLY B 131 27.67 25.14 -14.02
N GLY B 132 27.84 24.14 -14.89
CA GLY B 132 28.90 23.16 -14.72
C GLY B 132 28.65 22.28 -13.50
N SER B 133 27.39 22.18 -13.08
CA SER B 133 27.08 21.40 -11.89
C SER B 133 25.75 20.65 -11.87
N GLU B 134 25.43 19.96 -12.96
CA GLU B 134 24.19 19.18 -12.99
C GLU B 134 24.52 17.76 -13.39
N ASP B 135 24.57 16.86 -12.40
CA ASP B 135 24.90 15.46 -12.65
C ASP B 135 23.74 14.49 -12.47
N CYS B 136 22.60 15.01 -12.03
CA CYS B 136 21.43 14.17 -11.84
C CYS B 136 20.41 14.45 -12.93
N VAL B 137 19.34 13.66 -12.96
CA VAL B 137 18.32 13.81 -13.99
C VAL B 137 16.92 13.86 -13.41
N GLU B 138 16.11 14.78 -13.93
CA GLU B 138 14.73 14.90 -13.50
C GLU B 138 13.83 14.64 -14.70
N ILE B 139 12.61 14.18 -14.45
CA ILE B 139 11.64 13.93 -15.51
C ILE B 139 10.48 14.88 -15.22
N PHE B 140 10.09 15.65 -16.24
CA PHE B 140 9.02 16.63 -16.11
C PHE B 140 7.65 16.01 -16.31
N THR B 141 6.59 16.78 -16.02
CA THR B 141 5.23 16.28 -16.19
C THR B 141 4.95 15.96 -17.66
N ASN B 142 5.77 16.50 -18.56
CA ASN B 142 5.57 16.22 -19.99
C ASN B 142 6.39 15.00 -20.43
N GLY B 143 6.99 14.31 -19.46
CA GLY B 143 7.78 13.13 -19.76
C GLY B 143 9.21 13.35 -20.23
N LYS B 144 9.57 14.59 -20.51
CA LYS B 144 10.93 14.89 -20.98
C LYS B 144 11.94 14.96 -19.83
N TRP B 145 13.20 14.70 -20.16
CA TRP B 145 14.27 14.70 -19.18
C TRP B 145 15.15 15.95 -19.23
N ASN B 146 15.72 16.28 -18.08
CA ASN B 146 16.60 17.43 -17.96
C ASN B 146 17.63 17.13 -16.87
N ASP B 147 18.92 17.39 -17.13
CA ASP B 147 19.89 17.14 -16.06
C ASP B 147 19.75 18.28 -15.07
N ARG B 148 19.88 17.97 -13.78
CA ARG B 148 19.69 18.98 -12.75
C ARG B 148 20.62 18.73 -11.58
N ALA B 149 20.87 19.78 -10.81
CA ALA B 149 21.75 19.66 -9.64
C ALA B 149 21.17 18.61 -8.69
N CYS B 150 22.03 17.70 -8.23
CA CYS B 150 21.63 16.61 -7.34
C CYS B 150 21.16 17.07 -5.97
N GLY B 151 21.55 18.29 -5.59
CA GLY B 151 21.17 18.84 -4.29
C GLY B 151 19.75 19.36 -4.27
N GLU B 152 19.15 19.52 -5.45
CA GLU B 152 17.78 20.00 -5.54
C GLU B 152 16.83 18.90 -5.08
N LYS B 153 15.65 19.29 -4.63
CA LYS B 153 14.65 18.33 -4.15
C LYS B 153 13.63 18.01 -5.23
N ARG B 154 13.39 16.72 -5.45
CA ARG B 154 12.44 16.27 -6.45
C ARG B 154 11.63 15.09 -5.93
N LEU B 155 10.50 14.82 -6.58
CA LEU B 155 9.61 13.73 -6.20
C LEU B 155 10.37 12.40 -6.15
N VAL B 156 10.18 11.66 -5.07
CA VAL B 156 10.84 10.37 -4.91
C VAL B 156 10.00 9.27 -5.53
N VAL B 157 10.55 8.60 -6.55
CA VAL B 157 9.86 7.49 -7.19
C VAL B 157 10.87 6.37 -7.34
N CYS B 158 10.53 5.20 -6.79
CA CYS B 158 11.41 4.05 -6.86
C CYS B 158 10.84 3.02 -7.82
N GLU B 159 11.68 2.07 -8.24
CA GLU B 159 11.19 1.00 -9.09
C GLU B 159 11.54 -0.31 -8.41
N PHE B 160 10.65 -1.28 -8.55
CA PHE B 160 10.82 -2.60 -7.95
C PHE B 160 10.53 -3.69 -8.99
N ALA C 3 14.28 -47.33 -10.90
CA ALA C 3 14.24 -48.82 -10.97
C ALA C 3 13.31 -49.38 -9.90
N ASP C 4 13.32 -48.76 -8.72
CA ASP C 4 12.48 -49.18 -7.62
C ASP C 4 11.26 -48.27 -7.53
N ILE C 5 10.10 -48.79 -7.93
CA ILE C 5 8.87 -48.01 -7.91
C ILE C 5 8.61 -47.40 -6.53
N GLY C 6 8.92 -48.15 -5.48
CA GLY C 6 8.72 -47.66 -4.14
C GLY C 6 9.55 -46.42 -3.84
N SER C 7 10.77 -46.40 -4.37
CA SER C 7 11.65 -45.26 -4.18
C SER C 7 11.17 -44.07 -4.98
N ASP C 8 10.66 -44.34 -6.18
CA ASP C 8 10.16 -43.28 -7.05
C ASP C 8 8.97 -42.59 -6.38
N VAL C 9 8.10 -43.38 -5.75
CA VAL C 9 6.93 -42.84 -5.06
C VAL C 9 7.37 -42.01 -3.87
N ALA C 10 8.41 -42.49 -3.18
CA ALA C 10 8.93 -41.80 -2.01
C ALA C 10 9.50 -40.44 -2.41
N SER C 11 10.20 -40.40 -3.54
CA SER C 11 10.80 -39.15 -4.02
C SER C 11 9.70 -38.15 -4.34
N LEU C 12 8.64 -38.61 -4.99
CA LEU C 12 7.52 -37.73 -5.34
C LEU C 12 6.85 -37.21 -4.06
N ARG C 13 6.73 -38.09 -3.08
CA ARG C 13 6.13 -37.73 -1.79
C ARG C 13 6.91 -36.57 -1.19
N GLN C 14 8.23 -36.70 -1.20
CA GLN C 14 9.13 -35.68 -0.66
C GLN C 14 8.89 -34.33 -1.33
N GLN C 15 8.78 -34.35 -2.65
CA GLN C 15 8.56 -33.12 -3.41
C GLN C 15 7.20 -32.51 -3.10
N VAL C 16 6.17 -33.35 -3.00
CA VAL C 16 4.82 -32.86 -2.70
C VAL C 16 4.78 -32.21 -1.32
N GLU C 17 5.48 -32.82 -0.36
CA GLU C 17 5.52 -32.29 0.99
C GLU C 17 6.15 -30.90 1.00
N ALA C 18 7.25 -30.76 0.25
CA ALA C 18 7.95 -29.49 0.16
C ALA C 18 7.06 -28.44 -0.49
N LEU C 19 6.38 -28.84 -1.56
CA LEU C 19 5.48 -27.94 -2.28
C LEU C 19 4.34 -27.49 -1.35
N GLN C 20 3.79 -28.45 -0.61
CA GLN C 20 2.70 -28.17 0.31
C GLN C 20 3.14 -27.15 1.36
N GLY C 21 4.39 -27.27 1.79
CA GLY C 21 4.92 -26.35 2.77
C GLY C 21 4.98 -24.94 2.22
N GLN C 22 5.41 -24.83 0.96
CA GLN C 22 5.52 -23.53 0.30
C GLN C 22 4.16 -22.84 0.24
N VAL C 23 3.13 -23.59 -0.13
CA VAL C 23 1.79 -23.04 -0.24
C VAL C 23 1.23 -22.59 1.11
N GLN C 24 1.50 -23.37 2.16
CA GLN C 24 0.99 -23.01 3.47
C GLN C 24 1.67 -21.73 3.95
N HIS C 25 2.96 -21.60 3.65
CA HIS C 25 3.70 -20.41 4.04
C HIS C 25 3.16 -19.18 3.29
N LEU C 26 2.93 -19.35 1.99
CA LEU C 26 2.41 -18.27 1.16
C LEU C 26 1.06 -17.77 1.64
N GLN C 27 0.19 -18.71 2.00
CA GLN C 27 -1.15 -18.40 2.46
C GLN C 27 -1.11 -17.55 3.74
N ALA C 28 -0.23 -17.90 4.66
CA ALA C 28 -0.08 -17.16 5.90
C ALA C 28 0.55 -15.79 5.64
N ALA C 29 1.54 -15.75 4.76
CA ALA C 29 2.20 -14.49 4.44
C ALA C 29 1.24 -13.55 3.71
N PHE C 30 0.45 -14.11 2.78
CA PHE C 30 -0.48 -13.29 2.03
C PHE C 30 -1.57 -12.70 2.92
N SER C 31 -2.08 -13.50 3.86
CA SER C 31 -3.11 -13.04 4.77
C SER C 31 -2.62 -11.82 5.57
N GLN C 32 -1.38 -11.90 6.05
CA GLN C 32 -0.79 -10.81 6.81
C GLN C 32 -0.64 -9.57 5.92
N TYR C 33 -0.15 -9.77 4.70
CA TYR C 33 0.04 -8.69 3.75
C TYR C 33 -1.29 -8.00 3.42
N LYS C 34 -2.37 -8.77 3.31
CA LYS C 34 -3.66 -8.17 3.01
C LYS C 34 -4.05 -7.17 4.10
N LYS C 35 -3.87 -7.56 5.35
CA LYS C 35 -4.20 -6.66 6.46
C LYS C 35 -3.37 -5.40 6.37
N VAL C 36 -2.08 -5.55 6.07
CA VAL C 36 -1.19 -4.40 5.95
C VAL C 36 -1.63 -3.48 4.83
N GLU C 37 -1.98 -4.06 3.70
CA GLU C 37 -2.41 -3.30 2.53
C GLU C 37 -3.66 -2.47 2.81
N LEU C 38 -4.65 -3.07 3.47
CA LEU C 38 -5.91 -2.37 3.75
C LEU C 38 -5.80 -1.25 4.78
N PHE C 39 -4.76 -1.27 5.59
CA PHE C 39 -4.56 -0.23 6.59
C PHE C 39 -3.79 0.93 5.98
N PRO C 40 -4.35 2.15 6.02
CA PRO C 40 -5.65 2.52 6.60
C PRO C 40 -6.67 2.99 5.56
N ASN C 41 -6.34 2.84 4.27
CA ASN C 41 -7.23 3.34 3.22
C ASN C 41 -8.10 2.33 2.49
N GLY C 42 -8.19 1.11 3.01
CA GLY C 42 -9.00 0.10 2.36
C GLY C 42 -10.00 -0.59 3.26
N GLN C 43 -11.00 -1.21 2.65
CA GLN C 43 -12.03 -1.94 3.38
C GLN C 43 -12.48 -3.11 2.51
N SER C 44 -12.44 -4.31 3.08
CA SER C 44 -12.85 -5.49 2.34
C SER C 44 -14.22 -5.94 2.83
N VAL C 45 -15.12 -6.22 1.89
CA VAL C 45 -16.46 -6.71 2.22
C VAL C 45 -16.83 -7.75 1.18
N GLY C 46 -16.96 -9.00 1.62
CA GLY C 46 -17.27 -10.06 0.68
C GLY C 46 -16.07 -10.21 -0.22
N GLU C 47 -16.28 -10.23 -1.53
CA GLU C 47 -15.16 -10.36 -2.47
C GLU C 47 -14.80 -9.00 -3.08
N LYS C 48 -15.37 -7.93 -2.53
CA LYS C 48 -15.12 -6.60 -3.02
C LYS C 48 -14.21 -5.82 -2.09
N ILE C 49 -13.36 -4.97 -2.66
CA ILE C 49 -12.47 -4.15 -1.87
C ILE C 49 -12.60 -2.68 -2.24
N PHE C 50 -12.87 -1.84 -1.24
CA PHE C 50 -12.98 -0.40 -1.42
C PHE C 50 -11.64 0.19 -0.98
N LYS C 51 -11.12 1.15 -1.74
CA LYS C 51 -9.88 1.82 -1.37
C LYS C 51 -9.96 3.28 -1.82
N THR C 52 -9.63 4.18 -0.90
CA THR C 52 -9.67 5.60 -1.20
C THR C 52 -8.28 6.10 -1.58
N ALA C 53 -8.25 7.14 -2.41
CA ALA C 53 -6.99 7.74 -2.83
C ALA C 53 -6.57 8.80 -1.82
N GLY C 54 -7.46 9.12 -0.89
CA GLY C 54 -7.14 10.11 0.12
C GLY C 54 -7.30 11.56 -0.29
N PHE C 55 -7.79 11.81 -1.50
CA PHE C 55 -7.99 13.18 -1.95
C PHE C 55 -9.29 13.33 -2.74
N VAL C 56 -9.68 14.56 -3.01
CA VAL C 56 -10.91 14.82 -3.73
C VAL C 56 -10.68 15.20 -5.19
N LYS C 57 -11.65 14.86 -6.03
CA LYS C 57 -11.61 15.17 -7.47
C LYS C 57 -13.04 15.24 -7.99
N PRO C 58 -13.24 15.90 -9.14
CA PRO C 58 -14.59 15.98 -9.70
C PRO C 58 -14.90 14.57 -10.22
N PHE C 59 -16.18 14.27 -10.45
CA PHE C 59 -16.59 12.95 -10.92
C PHE C 59 -15.83 12.37 -12.12
N THR C 60 -15.69 13.16 -13.19
CA THR C 60 -15.00 12.65 -14.37
C THR C 60 -13.57 12.19 -14.09
N GLU C 61 -12.82 12.99 -13.35
CA GLU C 61 -11.44 12.65 -13.03
C GLU C 61 -11.39 11.46 -12.08
N ALA C 62 -12.33 11.41 -11.15
CA ALA C 62 -12.40 10.33 -10.18
C ALA C 62 -12.68 9.02 -10.90
N GLN C 63 -13.62 9.06 -11.84
CA GLN C 63 -14.01 7.90 -12.62
C GLN C 63 -12.83 7.40 -13.46
N LEU C 64 -12.11 8.31 -14.10
CA LEU C 64 -10.96 7.91 -14.92
C LEU C 64 -9.88 7.28 -14.06
N LEU C 65 -9.64 7.84 -12.87
CA LEU C 65 -8.63 7.28 -11.98
C LEU C 65 -8.94 5.83 -11.63
N CYS C 66 -10.19 5.56 -11.27
CA CYS C 66 -10.59 4.21 -10.92
C CYS C 66 -10.53 3.26 -12.09
N THR C 67 -11.01 3.70 -13.26
CA THR C 67 -11.00 2.85 -14.45
C THR C 67 -9.60 2.52 -14.93
N GLN C 68 -8.71 3.51 -14.92
CA GLN C 68 -7.33 3.29 -15.35
C GLN C 68 -6.58 2.39 -14.37
N ALA C 69 -7.05 2.35 -13.13
CA ALA C 69 -6.43 1.52 -12.11
C ALA C 69 -6.96 0.09 -12.19
N GLY C 70 -7.88 -0.16 -13.13
CA GLY C 70 -8.42 -1.49 -13.28
C GLY C 70 -9.64 -1.80 -12.43
N GLY C 71 -10.29 -0.74 -11.93
CA GLY C 71 -11.47 -0.91 -11.11
C GLY C 71 -12.54 0.08 -11.58
N GLN C 72 -13.34 0.57 -10.64
CA GLN C 72 -14.38 1.56 -10.94
C GLN C 72 -14.74 2.28 -9.66
N LEU C 73 -15.49 3.36 -9.78
CA LEU C 73 -15.89 4.11 -8.58
C LEU C 73 -16.73 3.22 -7.66
N ALA C 74 -16.66 3.50 -6.37
CA ALA C 74 -17.40 2.75 -5.36
C ALA C 74 -18.84 2.57 -5.78
N SER C 75 -19.29 1.32 -5.82
CA SER C 75 -20.66 0.99 -6.24
C SER C 75 -21.30 0.04 -5.22
N PRO C 76 -21.64 0.55 -4.02
CA PRO C 76 -22.25 -0.28 -2.98
C PRO C 76 -23.58 -0.88 -3.45
N ARG C 77 -23.66 -2.21 -3.40
CA ARG C 77 -24.85 -2.92 -3.84
C ARG C 77 -25.66 -3.56 -2.72
N SER C 78 -25.33 -3.24 -1.48
CA SER C 78 -26.05 -3.80 -0.34
C SER C 78 -25.75 -2.97 0.90
N ALA C 79 -26.55 -3.17 1.94
CA ALA C 79 -26.33 -2.43 3.18
C ALA C 79 -24.95 -2.76 3.72
N ALA C 80 -24.52 -4.01 3.58
CA ALA C 80 -23.20 -4.44 4.07
C ALA C 80 -22.08 -3.69 3.35
N GLU C 81 -22.18 -3.60 2.02
CA GLU C 81 -21.14 -2.90 1.28
C GLU C 81 -21.18 -1.40 1.61
N ASN C 82 -22.38 -0.87 1.80
CA ASN C 82 -22.51 0.55 2.10
C ASN C 82 -21.84 0.89 3.43
N ALA C 83 -22.02 0.00 4.41
CA ALA C 83 -21.43 0.21 5.73
C ALA C 83 -19.91 0.20 5.63
N ALA C 84 -19.39 -0.70 4.80
CA ALA C 84 -17.94 -0.81 4.61
C ALA C 84 -17.40 0.47 3.99
N LEU C 85 -18.07 0.95 2.94
CA LEU C 85 -17.66 2.18 2.27
C LEU C 85 -17.75 3.36 3.24
N GLN C 86 -18.81 3.37 4.04
CA GLN C 86 -19.03 4.44 5.02
C GLN C 86 -17.85 4.56 6.00
N GLN C 87 -17.24 3.43 6.35
CA GLN C 87 -16.11 3.45 7.27
C GLN C 87 -14.97 4.32 6.74
N LEU C 88 -14.69 4.22 5.44
CA LEU C 88 -13.63 5.02 4.82
C LEU C 88 -14.02 6.48 4.76
N VAL C 89 -15.29 6.74 4.42
CA VAL C 89 -15.79 8.10 4.34
C VAL C 89 -15.64 8.76 5.71
N VAL C 90 -16.04 8.05 6.75
CA VAL C 90 -15.95 8.55 8.12
C VAL C 90 -14.49 8.79 8.52
N ALA C 91 -13.63 7.82 8.24
CA ALA C 91 -12.21 7.94 8.59
C ALA C 91 -11.56 9.16 7.97
N LYS C 92 -11.93 9.48 6.74
CA LYS C 92 -11.36 10.64 6.06
C LYS C 92 -12.19 11.88 6.29
N ASN C 93 -13.38 11.71 6.86
CA ASN C 93 -14.28 12.83 7.14
C ASN C 93 -14.53 13.63 5.86
N GLU C 94 -14.73 12.90 4.76
CA GLU C 94 -14.98 13.53 3.47
C GLU C 94 -15.99 12.71 2.67
N ALA C 95 -17.07 13.36 2.24
CA ALA C 95 -18.10 12.70 1.45
C ALA C 95 -17.44 12.19 0.17
N ALA C 96 -17.88 11.04 -0.33
CA ALA C 96 -17.30 10.44 -1.53
C ALA C 96 -18.26 10.23 -2.69
N PHE C 97 -17.72 10.23 -3.90
CA PHE C 97 -18.53 9.99 -5.08
C PHE C 97 -18.77 8.50 -5.23
N LEU C 98 -19.97 8.15 -5.70
CA LEU C 98 -20.30 6.76 -6.00
C LEU C 98 -20.19 6.72 -7.52
N SER C 99 -20.35 5.55 -8.12
CA SER C 99 -20.23 5.42 -9.57
C SER C 99 -21.49 5.74 -10.35
N MET C 100 -22.64 5.68 -9.68
CA MET C 100 -23.92 5.87 -10.33
C MET C 100 -24.35 7.28 -10.69
N THR C 101 -24.98 7.41 -11.86
CA THR C 101 -25.47 8.71 -12.34
C THR C 101 -26.78 8.54 -13.11
N ASP C 102 -27.50 9.64 -13.31
CA ASP C 102 -28.72 9.58 -14.09
C ASP C 102 -28.52 10.57 -15.25
N SER C 103 -27.29 10.59 -15.75
CA SER C 103 -26.90 11.47 -16.86
C SER C 103 -27.61 11.09 -18.15
N LYS C 104 -27.89 9.80 -18.31
CA LYS C 104 -28.58 9.31 -19.51
C LYS C 104 -30.06 9.68 -19.48
N THR C 105 -30.74 9.22 -18.43
CA THR C 105 -32.16 9.50 -18.28
C THR C 105 -32.41 10.12 -16.91
N GLU C 106 -32.73 11.41 -16.90
CA GLU C 106 -33.00 12.12 -15.66
C GLU C 106 -33.98 11.35 -14.77
N GLY C 107 -33.62 11.21 -13.49
CA GLY C 107 -34.48 10.52 -12.57
C GLY C 107 -34.22 9.02 -12.47
N LYS C 108 -33.39 8.49 -13.38
CA LYS C 108 -33.07 7.07 -13.37
C LYS C 108 -31.57 6.83 -13.21
N PHE C 109 -31.15 6.50 -12.00
CA PHE C 109 -29.74 6.26 -11.75
C PHE C 109 -29.33 4.84 -12.15
N THR C 110 -28.15 4.74 -12.77
CA THR C 110 -27.62 3.46 -13.24
C THR C 110 -26.13 3.32 -12.94
N TYR C 111 -25.66 2.07 -12.97
CA TYR C 111 -24.25 1.78 -12.77
C TYR C 111 -23.55 2.09 -14.08
N PRO C 112 -22.21 2.12 -14.09
CA PRO C 112 -21.45 2.40 -15.30
C PRO C 112 -21.84 1.50 -16.48
N THR C 113 -22.34 0.30 -16.16
CA THR C 113 -22.75 -0.66 -17.18
C THR C 113 -24.09 -0.32 -17.80
N GLY C 114 -24.86 0.52 -17.12
CA GLY C 114 -26.17 0.90 -17.63
C GLY C 114 -27.29 0.24 -16.86
N GLU C 115 -26.95 -0.78 -16.07
CA GLU C 115 -27.93 -1.51 -15.25
C GLU C 115 -28.53 -0.57 -14.19
N SER C 116 -29.81 -0.76 -13.91
CA SER C 116 -30.51 0.05 -12.91
C SER C 116 -30.10 -0.38 -11.50
N LEU C 117 -30.18 0.53 -10.54
CA LEU C 117 -29.80 0.24 -9.16
C LEU C 117 -30.51 -0.97 -8.56
N VAL C 118 -29.76 -1.78 -7.81
CA VAL C 118 -30.32 -2.96 -7.15
C VAL C 118 -30.36 -2.68 -5.65
N TYR C 119 -29.83 -1.51 -5.27
CA TYR C 119 -29.79 -1.07 -3.87
C TYR C 119 -29.62 0.44 -3.84
N SER C 120 -30.20 1.09 -2.83
CA SER C 120 -30.09 2.54 -2.69
C SER C 120 -30.21 2.92 -1.22
N ASN C 121 -29.58 4.02 -0.84
CA ASN C 121 -29.64 4.47 0.55
C ASN C 121 -29.75 6.00 0.58
N TRP C 122 -30.71 6.52 -0.19
CA TRP C 122 -30.94 7.96 -0.30
C TRP C 122 -31.30 8.64 1.01
N ALA C 123 -30.74 9.84 1.22
CA ALA C 123 -31.04 10.62 2.39
C ALA C 123 -32.48 11.10 2.18
N PRO C 124 -33.18 11.48 3.25
CA PRO C 124 -34.57 11.94 3.10
C PRO C 124 -34.73 13.07 2.09
N GLY C 125 -35.68 12.90 1.17
CA GLY C 125 -35.92 13.91 0.15
C GLY C 125 -35.02 13.85 -1.08
N GLU C 126 -34.10 12.90 -1.09
CA GLU C 126 -33.18 12.73 -2.22
C GLU C 126 -33.56 11.50 -3.04
N PRO C 127 -33.22 11.49 -4.34
CA PRO C 127 -32.51 12.53 -5.10
C PRO C 127 -33.49 13.64 -5.49
N ASN C 128 -33.01 14.89 -5.52
CA ASN C 128 -33.88 16.01 -5.84
C ASN C 128 -33.42 16.86 -7.03
N ASP C 129 -32.38 16.39 -7.72
CA ASP C 129 -31.85 17.10 -8.88
C ASP C 129 -31.85 18.61 -8.62
N ASP C 130 -31.25 19.00 -7.50
CA ASP C 130 -31.21 20.42 -7.14
C ASP C 130 -30.68 21.30 -8.25
N GLY C 131 -31.37 22.42 -8.48
CA GLY C 131 -30.97 23.35 -9.51
C GLY C 131 -31.14 22.78 -10.91
N GLY C 132 -31.74 21.58 -10.97
CA GLY C 132 -31.94 20.91 -12.24
C GLY C 132 -30.62 20.45 -12.81
N SER C 133 -29.62 20.25 -11.95
CA SER C 133 -28.30 19.85 -12.44
C SER C 133 -27.47 18.93 -11.55
N GLU C 134 -28.10 17.95 -10.94
CA GLU C 134 -27.37 17.01 -10.09
C GLU C 134 -27.51 15.59 -10.62
N ASP C 135 -26.52 15.13 -11.36
CA ASP C 135 -26.57 13.79 -11.94
C ASP C 135 -25.63 12.76 -11.32
N CYS C 136 -24.82 13.18 -10.36
CA CYS C 136 -23.91 12.26 -9.70
C CYS C 136 -24.39 11.99 -8.28
N VAL C 137 -23.70 11.11 -7.56
CA VAL C 137 -24.11 10.74 -6.21
C VAL C 137 -22.96 10.73 -5.23
N GLU C 138 -23.22 11.27 -4.03
CA GLU C 138 -22.22 11.31 -2.98
C GLU C 138 -22.76 10.55 -1.76
N ILE C 139 -21.85 9.98 -0.99
CA ILE C 139 -22.24 9.27 0.22
C ILE C 139 -21.66 10.07 1.39
N PHE C 140 -22.51 10.38 2.36
CA PHE C 140 -22.10 11.16 3.54
C PHE C 140 -21.48 10.27 4.60
N THR C 141 -20.93 10.91 5.64
CA THR C 141 -20.31 10.17 6.74
C THR C 141 -21.36 9.35 7.49
N ASN C 142 -22.65 9.66 7.28
CA ASN C 142 -23.71 8.91 7.94
C ASN C 142 -24.18 7.77 7.05
N GLY C 143 -23.51 7.61 5.92
CA GLY C 143 -23.84 6.52 5.00
C GLY C 143 -24.96 6.77 3.99
N LYS C 144 -25.73 7.83 4.20
CA LYS C 144 -26.83 8.15 3.29
C LYS C 144 -26.33 8.77 1.99
N TRP C 145 -27.15 8.68 0.95
CA TRP C 145 -26.79 9.19 -0.37
C TRP C 145 -27.49 10.50 -0.72
N ASN C 146 -26.87 11.26 -1.61
CA ASN C 146 -27.43 12.53 -2.07
C ASN C 146 -26.96 12.78 -3.49
N ASP C 147 -27.87 13.11 -4.40
CA ASP C 147 -27.40 13.40 -5.76
C ASP C 147 -26.71 14.75 -5.69
N ARG C 148 -25.61 14.88 -6.42
CA ARG C 148 -24.80 16.08 -6.39
C ARG C 148 -24.27 16.42 -7.78
N ALA C 149 -23.98 17.70 -8.00
CA ALA C 149 -23.44 18.14 -9.28
C ALA C 149 -22.11 17.42 -9.51
N CYS C 150 -21.98 16.78 -10.65
CA CYS C 150 -20.77 16.04 -11.00
C CYS C 150 -19.50 16.88 -11.03
N GLY C 151 -19.67 18.19 -11.19
CA GLY C 151 -18.52 19.08 -11.24
C GLY C 151 -17.89 19.33 -9.89
N GLU C 152 -18.61 19.02 -8.82
CA GLU C 152 -18.11 19.22 -7.47
C GLU C 152 -17.02 18.19 -7.18
N LYS C 153 -16.14 18.52 -6.25
CA LYS C 153 -15.05 17.62 -5.87
C LYS C 153 -15.42 16.83 -4.61
N ARG C 154 -15.22 15.52 -4.66
CA ARG C 154 -15.53 14.67 -3.52
C ARG C 154 -14.43 13.62 -3.37
N LEU C 155 -14.42 12.93 -2.23
CA LEU C 155 -13.41 11.92 -1.99
C LEU C 155 -13.43 10.84 -3.06
N VAL C 156 -12.25 10.46 -3.55
CA VAL C 156 -12.14 9.42 -4.56
C VAL C 156 -11.99 8.05 -3.90
N VAL C 157 -12.97 7.19 -4.12
CA VAL C 157 -12.95 5.84 -3.57
C VAL C 157 -13.28 4.88 -4.69
N CYS C 158 -12.37 3.94 -4.96
CA CYS C 158 -12.59 2.97 -6.01
C CYS C 158 -12.91 1.61 -5.40
N GLU C 159 -13.44 0.71 -6.21
CA GLU C 159 -13.72 -0.64 -5.74
C GLU C 159 -13.02 -1.59 -6.70
N PHE C 160 -12.48 -2.66 -6.15
CA PHE C 160 -11.76 -3.66 -6.93
C PHE C 160 -12.28 -5.06 -6.60
#